data_4CZC
#
_entry.id   4CZC
#
_cell.length_a   103.750
_cell.length_b   72.600
_cell.length_c   51.110
_cell.angle_alpha   90.00
_cell.angle_beta   102.06
_cell.angle_gamma   90.00
#
_symmetry.space_group_name_H-M   'C 1 2 1'
#
loop_
_entity.id
_entity.type
_entity.pdbx_description
1 polymer 'NIRD-LIKE PROTEIN'
2 non-polymer 'Fe(III) Uroporphyrin'
3 water water
#
_entity_poly.entity_id   1
_entity_poly.type   'polypeptide(L)'
_entity_poly.pdbx_seq_one_letter_code
;(MSE)GNEFDKILKIIQKDIPLVKEPFSVLAQEVGIEEGKLLKTIEKLVEDGIVRHIAPIYDSRLLGYDSALIAFKVDRQ
KLEEVANFVNACPGVSHNYERTHDFNLWFTLAVPPEISELEDVVRL(MSE)AERERVKDYLVLRVVRLFKIGVKLDYESP
AEKESVDTKVYTYTPLTEEEKRIVSITQGSFPLVERPFLEYAKRLR(MSE)SEEELLEKLSALKERGVLRRISAVLYHRR
AGYVANA(MSE)SVWEVPEDAIEEVGRYIAGFKGVSHCYQRTTSEKFRYNLFA(MSE)(MSE)HGKGQEEIKLLAETISR
EKALSKYALLFSTREFKKVRIKYFSEEFERWFKELISALEHHHHHH
;
_entity_poly.pdbx_strand_id   A
#
# COMPACT_ATOMS: atom_id res chain seq x y z
N ASN A 3 23.92 20.86 6.96
CA ASN A 3 23.29 20.33 8.20
C ASN A 3 23.31 18.80 8.22
N GLU A 4 23.75 18.24 9.33
CA GLU A 4 23.80 16.80 9.47
C GLU A 4 22.39 16.19 9.45
N PHE A 5 21.51 16.70 10.28
CA PHE A 5 20.09 16.30 10.22
C PHE A 5 19.56 16.28 8.77
N ASP A 6 19.77 17.34 7.99
CA ASP A 6 19.28 17.42 6.61
C ASP A 6 19.86 16.30 5.77
N LYS A 7 21.16 16.11 5.93
CA LYS A 7 21.94 15.17 5.10
C LYS A 7 21.55 13.72 5.37
N ILE A 8 21.38 13.43 6.65
CA ILE A 8 20.97 12.12 7.13
C ILE A 8 19.53 11.83 6.77
N LEU A 9 18.66 12.75 7.12
CA LEU A 9 17.27 12.61 6.76
C LEU A 9 17.11 12.32 5.29
N LYS A 10 17.85 13.04 4.45
CA LYS A 10 17.81 12.88 3.00
C LYS A 10 18.37 11.54 2.59
N ILE A 11 19.41 11.07 3.28
CA ILE A 11 20.15 9.90 2.79
C ILE A 11 19.53 8.58 3.23
N ILE A 12 18.83 8.58 4.34
CA ILE A 12 18.09 7.38 4.76
C ILE A 12 16.79 7.17 4.00
N GLN A 13 16.45 8.14 3.15
CA GLN A 13 15.29 8.01 2.29
C GLN A 13 15.72 7.42 0.98
N LYS A 14 17.02 7.52 0.69
CA LYS A 14 17.61 6.78 -0.39
C LYS A 14 17.75 5.28 -0.02
N ASP A 15 17.85 4.47 -1.05
CA ASP A 15 17.94 3.04 -0.89
C ASP A 15 19.15 2.67 -0.06
N ILE A 16 18.90 1.97 1.04
CA ILE A 16 19.96 1.54 1.94
C ILE A 16 20.61 0.27 1.39
N PRO A 17 21.93 0.28 1.29
CA PRO A 17 22.56 -0.75 0.50
C PRO A 17 22.63 -2.11 1.18
N LEU A 18 22.58 -3.14 0.36
CA LEU A 18 22.65 -4.51 0.81
C LEU A 18 24.10 -4.88 1.02
N VAL A 19 24.65 -4.43 2.13
CA VAL A 19 25.98 -4.88 2.59
C VAL A 19 25.83 -5.25 4.09
N LYS A 20 26.85 -5.81 4.71
CA LYS A 20 26.74 -6.14 6.13
C LYS A 20 26.66 -4.97 7.06
N GLU A 21 27.30 -3.85 6.75
CA GLU A 21 27.31 -2.66 7.67
C GLU A 21 26.92 -1.43 6.86
N PRO A 22 25.62 -1.32 6.56
CA PRO A 22 25.17 -0.27 5.64
C PRO A 22 25.19 1.06 6.29
N PHE A 23 25.25 1.08 7.60
CA PHE A 23 25.28 2.36 8.30
C PHE A 23 26.71 2.93 8.29
N SER A 24 27.66 2.01 8.18
CA SER A 24 29.07 2.32 8.06
C SER A 24 29.20 3.08 6.75
N VAL A 25 28.55 2.53 5.71
CA VAL A 25 28.51 3.22 4.43
C VAL A 25 27.77 4.57 4.45
N LEU A 26 26.59 4.63 5.08
CA LEU A 26 25.86 5.90 5.03
C LEU A 26 26.62 6.95 5.82
N ALA A 27 27.11 6.55 6.99
CA ALA A 27 27.99 7.41 7.78
C ALA A 27 29.21 7.97 6.97
N GLN A 28 29.93 7.12 6.22
CA GLN A 28 30.94 7.62 5.30
C GLN A 28 30.41 8.72 4.33
N GLU A 29 29.33 8.40 3.63
CA GLU A 29 28.76 9.30 2.62
C GLU A 29 28.28 10.58 3.27
N VAL A 30 27.74 10.49 4.48
CA VAL A 30 27.21 11.66 5.20
C VAL A 30 28.36 12.43 5.82
N GLY A 31 29.41 11.70 6.16
CA GLY A 31 30.60 12.29 6.72
C GLY A 31 30.56 12.41 8.23
N ILE A 32 29.89 11.48 8.90
CA ILE A 32 29.87 11.48 10.35
C ILE A 32 30.16 10.10 10.85
N GLU A 33 30.44 10.00 12.14
CA GLU A 33 30.77 8.73 12.77
C GLU A 33 29.55 7.80 12.78
N GLU A 34 29.75 6.52 12.51
CA GLU A 34 28.63 5.55 12.38
C GLU A 34 27.67 5.56 13.59
N GLY A 35 28.22 5.33 14.78
CA GLY A 35 27.45 5.31 16.01
C GLY A 35 26.59 6.56 16.16
N LYS A 36 27.14 7.70 15.76
CA LYS A 36 26.44 8.95 15.89
C LYS A 36 25.35 8.99 14.82
N LEU A 37 25.63 8.48 13.63
CA LEU A 37 24.58 8.38 12.62
C LEU A 37 23.41 7.53 13.17
N LEU A 38 23.73 6.39 13.77
CA LEU A 38 22.70 5.52 14.33
C LEU A 38 21.86 6.24 15.37
N LYS A 39 22.50 6.79 16.39
CA LYS A 39 21.80 7.51 17.43
C LYS A 39 20.87 8.59 16.86
N THR A 40 21.32 9.30 15.84
CA THR A 40 20.51 10.36 15.25
C THR A 40 19.25 9.78 14.66
N ILE A 41 19.41 8.68 13.92
CA ILE A 41 18.26 8.01 13.29
C ILE A 41 17.18 7.70 14.31
N GLU A 42 17.58 7.20 15.47
CA GLU A 42 16.66 6.81 16.54
C GLU A 42 15.76 7.98 16.87
N LYS A 43 16.39 9.13 17.06
CA LYS A 43 15.66 10.34 17.40
C LYS A 43 14.62 10.63 16.34
N LEU A 44 15.00 10.56 15.07
CA LEU A 44 14.06 10.85 13.99
C LEU A 44 12.84 9.89 13.98
N VAL A 45 13.04 8.64 14.38
CA VAL A 45 11.92 7.68 14.46
C VAL A 45 11.24 7.76 15.82
N GLU A 46 12.01 8.00 16.87
CA GLU A 46 11.40 8.25 18.18
C GLU A 46 10.46 9.46 18.14
N ASP A 47 10.80 10.47 17.34
CA ASP A 47 10.06 11.73 17.30
C ASP A 47 9.00 11.78 16.20
N GLY A 48 9.14 10.96 15.16
CA GLY A 48 8.02 10.66 14.25
C GLY A 48 7.92 11.53 13.02
N ILE A 49 9.06 12.01 12.53
CA ILE A 49 9.10 12.69 11.24
C ILE A 49 9.47 11.66 10.18
N VAL A 50 10.21 10.65 10.59
CA VAL A 50 10.16 9.35 9.93
C VAL A 50 9.67 8.42 11.04
N ARG A 51 8.68 7.60 10.71
CA ARG A 51 8.03 6.74 11.69
C ARG A 51 8.46 5.29 11.54
N HIS A 52 9.08 4.98 10.41
CA HIS A 52 9.50 3.60 10.15
C HIS A 52 10.55 3.55 9.04
N ILE A 53 11.41 2.55 9.14
CA ILE A 53 12.42 2.32 8.16
C ILE A 53 12.45 0.82 7.88
N ALA A 54 12.15 0.46 6.64
CA ALA A 54 11.89 -0.92 6.33
C ALA A 54 12.07 -1.17 4.85
N PRO A 55 12.16 -2.46 4.50
CA PRO A 55 12.15 -2.85 3.12
C PRO A 55 10.82 -2.54 2.53
N ILE A 56 10.82 -2.12 1.28
CA ILE A 56 9.60 -1.94 0.56
C ILE A 56 9.66 -3.03 -0.48
N TYR A 57 8.70 -3.97 -0.38
CA TYR A 57 8.50 -5.04 -1.36
C TYR A 57 7.38 -4.67 -2.35
N ASP A 58 7.39 -5.33 -3.52
CA ASP A 58 6.41 -5.07 -4.54
C ASP A 58 5.32 -6.11 -4.38
N SER A 59 4.13 -5.65 -4.03
CA SER A 59 3.02 -6.54 -3.67
C SER A 59 2.69 -7.53 -4.79
N ARG A 60 2.57 -7.07 -6.03
CA ARG A 60 2.25 -8.03 -7.10
C ARG A 60 3.40 -9.02 -7.47
N LEU A 61 4.65 -8.55 -7.41
CA LEU A 61 5.79 -9.47 -7.59
C LEU A 61 5.98 -10.48 -6.43
N LEU A 62 5.37 -10.21 -5.28
CA LEU A 62 5.26 -11.20 -4.20
C LEU A 62 4.22 -12.24 -4.52
N GLY A 63 3.32 -11.92 -5.45
CA GLY A 63 2.24 -12.84 -5.83
C GLY A 63 0.91 -12.49 -5.21
N TYR A 64 0.85 -11.30 -4.61
CA TYR A 64 -0.39 -10.78 -4.09
C TYR A 64 -1.22 -10.12 -5.18
N ASP A 65 -2.41 -10.66 -5.38
CA ASP A 65 -3.46 -9.95 -6.07
C ASP A 65 -4.10 -8.99 -5.09
N SER A 66 -4.36 -7.77 -5.54
CA SER A 66 -4.97 -6.78 -4.69
C SER A 66 -5.85 -5.88 -5.51
N ALA A 67 -6.97 -5.46 -4.95
CA ALA A 67 -7.93 -4.62 -5.65
C ALA A 67 -8.61 -3.70 -4.66
N LEU A 68 -9.20 -2.63 -5.16
CA LEU A 68 -10.18 -1.85 -4.41
C LEU A 68 -11.60 -2.47 -4.46
N ILE A 69 -12.12 -2.82 -3.30
CA ILE A 69 -13.48 -3.34 -3.22
C ILE A 69 -14.44 -2.26 -2.76
N ALA A 70 -15.66 -2.30 -3.31
CA ALA A 70 -16.80 -1.48 -2.82
C ALA A 70 -18.01 -2.33 -2.45
N PHE A 71 -18.55 -2.10 -1.26
CA PHE A 71 -19.80 -2.72 -0.83
C PHE A 71 -20.93 -1.67 -0.77
N LYS A 72 -22.13 -2.06 -1.20
CA LYS A 72 -23.33 -1.22 -0.99
C LYS A 72 -24.06 -1.72 0.24
N VAL A 73 -23.91 -0.99 1.34
CA VAL A 73 -24.47 -1.38 2.65
C VAL A 73 -25.42 -0.27 3.11
N ASP A 74 -26.48 -0.65 3.83
CA ASP A 74 -27.36 0.35 4.42
C ASP A 74 -26.99 0.70 5.87
N ARG A 75 -27.24 1.96 6.23
CA ARG A 75 -26.66 2.59 7.42
C ARG A 75 -26.82 1.78 8.70
N GLN A 76 -27.96 1.10 8.87
CA GLN A 76 -28.18 0.27 10.07
C GLN A 76 -27.05 -0.77 10.22
N LYS A 77 -26.61 -1.30 9.09
CA LYS A 77 -25.65 -2.40 9.08
C LYS A 77 -24.25 -1.98 8.59
N LEU A 78 -24.06 -0.69 8.32
CA LEU A 78 -22.80 -0.15 7.81
C LEU A 78 -21.67 -0.49 8.76
N GLU A 79 -21.86 -0.18 10.03
CA GLU A 79 -20.79 -0.33 11.01
C GLU A 79 -20.50 -1.80 11.29
N GLU A 80 -21.54 -2.63 11.42
CA GLU A 80 -21.35 -4.08 11.55
C GLU A 80 -20.43 -4.64 10.44
N VAL A 81 -20.74 -4.27 9.20
CA VAL A 81 -19.98 -4.76 8.02
C VAL A 81 -18.54 -4.22 8.04
N ALA A 82 -18.39 -2.95 8.35
CA ALA A 82 -17.10 -2.30 8.41
C ALA A 82 -16.14 -2.99 9.36
N ASN A 83 -16.66 -3.39 10.52
CA ASN A 83 -15.88 -4.09 11.52
C ASN A 83 -15.49 -5.46 11.03
N PHE A 84 -16.41 -6.08 10.28
CA PHE A 84 -16.12 -7.38 9.69
C PHE A 84 -14.96 -7.30 8.67
N VAL A 85 -14.99 -6.27 7.82
CA VAL A 85 -13.90 -5.96 6.89
C VAL A 85 -12.53 -5.78 7.59
N ASN A 86 -12.50 -4.97 8.67
CA ASN A 86 -11.22 -4.67 9.36
C ASN A 86 -10.57 -5.91 9.93
N ALA A 87 -11.41 -6.90 10.21
CA ALA A 87 -10.94 -8.18 10.69
C ALA A 87 -10.05 -8.88 9.66
N CYS A 88 -10.29 -8.64 8.36
CA CYS A 88 -9.49 -9.30 7.34
C CYS A 88 -8.06 -8.79 7.37
N PRO A 89 -7.10 -9.70 7.59
CA PRO A 89 -5.70 -9.28 7.70
C PRO A 89 -5.14 -8.76 6.41
N GLY A 90 -5.81 -9.03 5.30
CA GLY A 90 -5.38 -8.53 3.98
C GLY A 90 -6.06 -7.25 3.55
N VAL A 91 -6.88 -6.66 4.43
CA VAL A 91 -7.52 -5.38 4.13
C VAL A 91 -6.68 -4.30 4.76
N SER A 92 -6.14 -3.40 3.95
CA SER A 92 -5.18 -2.39 4.44
C SER A 92 -5.92 -1.13 4.80
N HIS A 93 -6.75 -0.65 3.88
CA HIS A 93 -7.56 0.54 4.10
C HIS A 93 -9.03 0.18 4.09
N ASN A 94 -9.83 0.93 4.85
CA ASN A 94 -11.26 0.81 4.84
C ASN A 94 -11.82 2.17 5.12
N TYR A 95 -12.78 2.56 4.28
CA TYR A 95 -13.37 3.89 4.37
C TYR A 95 -14.87 3.83 4.17
N GLU A 96 -15.55 4.77 4.82
CA GLU A 96 -16.93 5.09 4.45
C GLU A 96 -16.87 6.24 3.45
N ARG A 97 -17.55 6.08 2.32
CA ARG A 97 -17.55 7.11 1.32
C ARG A 97 -18.96 7.51 0.89
N THR A 98 -19.05 8.75 0.39
CA THR A 98 -20.29 9.38 -0.02
C THR A 98 -20.70 8.89 -1.43
N HIS A 99 -21.48 7.81 -1.46
CA HIS A 99 -21.84 7.12 -2.70
C HIS A 99 -22.86 6.00 -2.48
N ASP A 100 -23.53 5.58 -3.54
CA ASP A 100 -24.45 4.44 -3.47
C ASP A 100 -23.74 3.27 -2.79
N PHE A 101 -22.55 2.99 -3.29
CA PHE A 101 -21.60 2.11 -2.63
C PHE A 101 -20.89 2.91 -1.56
N ASN A 102 -21.22 2.61 -0.30
CA ASN A 102 -20.81 3.47 0.79
C ASN A 102 -19.68 2.88 1.61
N LEU A 103 -19.28 1.63 1.30
CA LEU A 103 -18.10 1.05 1.94
C LEU A 103 -17.02 0.69 0.93
N TRP A 104 -15.88 1.35 1.05
CA TRP A 104 -14.75 1.14 0.17
C TRP A 104 -13.50 0.71 0.90
N PHE A 105 -13.00 -0.48 0.59
CA PHE A 105 -11.77 -0.92 1.20
C PHE A 105 -10.81 -1.54 0.19
N THR A 106 -9.54 -1.58 0.56
CA THR A 106 -8.49 -2.22 -0.20
C THR A 106 -8.23 -3.60 0.33
N LEU A 107 -8.41 -4.63 -0.49
CA LEU A 107 -8.08 -6.00 -0.09
C LEU A 107 -6.90 -6.54 -0.89
N ALA A 108 -5.99 -7.26 -0.25
CA ALA A 108 -4.89 -7.92 -0.94
C ALA A 108 -4.82 -9.37 -0.47
N VAL A 109 -4.62 -10.28 -1.41
CA VAL A 109 -4.74 -11.68 -1.15
C VAL A 109 -3.45 -12.36 -1.54
N PRO A 110 -2.93 -13.19 -0.64
CA PRO A 110 -1.75 -13.94 -0.95
C PRO A 110 -2.02 -14.98 -2.01
N PRO A 111 -0.98 -15.45 -2.69
CA PRO A 111 -1.21 -16.45 -3.73
C PRO A 111 -1.50 -17.84 -3.14
N GLU A 112 -2.06 -18.73 -3.94
CA GLU A 112 -2.27 -20.13 -3.55
C GLU A 112 -3.10 -20.25 -2.29
N ILE A 113 -4.18 -19.50 -2.22
CA ILE A 113 -5.13 -19.64 -1.15
C ILE A 113 -6.51 -19.65 -1.77
N SER A 114 -6.77 -18.59 -2.50
CA SER A 114 -8.06 -18.33 -3.09
C SER A 114 -7.86 -17.22 -4.09
N GLU A 115 -8.72 -17.18 -5.11
CA GLU A 115 -8.78 -16.05 -6.01
C GLU A 115 -9.42 -14.92 -5.25
N LEU A 116 -9.06 -13.72 -5.64
CA LEU A 116 -9.49 -12.55 -4.91
C LEU A 116 -11.00 -12.48 -4.96
N GLU A 117 -11.53 -12.78 -6.13
CA GLU A 117 -12.97 -12.72 -6.36
C GLU A 117 -13.72 -13.68 -5.43
N ASP A 118 -13.16 -14.84 -5.14
CA ASP A 118 -13.80 -15.77 -4.20
C ASP A 118 -13.88 -15.17 -2.83
N VAL A 119 -12.80 -14.51 -2.42
CA VAL A 119 -12.71 -13.98 -1.09
C VAL A 119 -13.81 -12.94 -0.88
N VAL A 120 -13.93 -12.00 -1.81
CA VAL A 120 -14.93 -10.95 -1.71
C VAL A 120 -16.36 -11.51 -1.83
N ARG A 121 -16.53 -12.55 -2.66
CA ARG A 121 -17.81 -13.25 -2.78
C ARG A 121 -18.29 -13.75 -1.43
N LEU A 122 -17.44 -14.48 -0.72
CA LEU A 122 -17.77 -15.00 0.61
C LEU A 122 -17.96 -13.91 1.64
N ALA A 124 -19.18 -10.77 0.92
CA ALA A 124 -20.50 -10.20 0.61
C ALA A 124 -21.65 -11.15 0.95
N GLU A 125 -21.39 -12.44 0.81
CA GLU A 125 -22.36 -13.47 1.13
C GLU A 125 -22.57 -13.51 2.63
N ARG A 126 -21.48 -13.48 3.38
CA ARG A 126 -21.52 -13.50 4.83
C ARG A 126 -22.19 -12.25 5.40
N GLU A 127 -21.92 -11.10 4.83
CA GLU A 127 -22.53 -9.86 5.29
C GLU A 127 -23.78 -9.53 4.48
N ARG A 128 -24.24 -10.49 3.69
CA ARG A 128 -25.47 -10.34 2.91
C ARG A 128 -25.55 -9.01 2.14
N VAL A 129 -24.44 -8.66 1.48
CA VAL A 129 -24.35 -7.51 0.60
C VAL A 129 -24.65 -7.97 -0.82
N LYS A 130 -25.60 -7.32 -1.50
CA LYS A 130 -26.02 -7.77 -2.82
C LYS A 130 -25.19 -7.18 -3.95
N ASP A 131 -24.92 -5.88 -3.88
CA ASP A 131 -24.10 -5.19 -4.89
C ASP A 131 -22.67 -4.89 -4.43
N TYR A 132 -21.69 -5.46 -5.12
CA TYR A 132 -20.29 -5.13 -4.85
C TYR A 132 -19.42 -5.03 -6.07
N LEU A 133 -18.39 -4.21 -5.93
CA LEU A 133 -17.48 -3.88 -7.01
C LEU A 133 -16.09 -4.38 -6.67
N VAL A 134 -15.38 -4.81 -7.71
CA VAL A 134 -14.03 -5.33 -7.56
C VAL A 134 -13.17 -4.62 -8.60
N LEU A 135 -12.53 -3.54 -8.19
CA LEU A 135 -11.80 -2.67 -9.08
C LEU A 135 -10.26 -2.79 -8.95
N ARG A 136 -9.58 -3.02 -10.07
CA ARG A 136 -8.14 -3.14 -10.09
C ARG A 136 -7.53 -1.92 -10.75
N VAL A 137 -6.89 -1.09 -9.93
CA VAL A 137 -6.36 0.15 -10.42
C VAL A 137 -4.83 0.05 -10.36
N VAL A 138 -4.17 1.01 -11.01
CA VAL A 138 -2.72 1.07 -11.10
C VAL A 138 -2.21 2.49 -11.01
N ARG A 139 -1.20 2.72 -10.18
CA ARG A 139 -0.65 4.06 -9.97
C ARG A 139 0.22 4.54 -11.13
N LEU A 140 0.89 5.68 -10.93
CA LEU A 140 1.78 6.26 -11.94
C LEU A 140 2.87 7.09 -11.29
N VAL A 162 12.35 -4.63 -17.41
CA VAL A 162 11.07 -5.36 -17.47
C VAL A 162 11.02 -6.48 -16.42
N TYR A 163 10.00 -6.45 -15.55
CA TYR A 163 9.91 -7.35 -14.38
C TYR A 163 8.88 -8.49 -14.57
N THR A 164 9.22 -9.71 -14.13
CA THR A 164 8.41 -10.90 -14.36
C THR A 164 7.99 -11.64 -13.09
N TYR A 165 6.74 -12.09 -13.01
CA TYR A 165 6.28 -12.79 -11.83
C TYR A 165 6.76 -14.25 -11.79
N THR A 166 7.60 -14.57 -10.82
CA THR A 166 7.93 -15.95 -10.48
C THR A 166 7.36 -16.21 -9.08
N PRO A 167 6.53 -17.23 -8.95
CA PRO A 167 6.04 -17.61 -7.63
C PRO A 167 7.18 -17.73 -6.62
N LEU A 168 7.00 -17.15 -5.43
CA LEU A 168 8.04 -17.17 -4.41
C LEU A 168 8.15 -18.54 -3.78
N THR A 169 9.37 -18.98 -3.50
CA THR A 169 9.59 -20.19 -2.74
C THR A 169 9.15 -19.97 -1.29
N GLU A 170 9.01 -21.05 -0.53
CA GLU A 170 8.68 -20.94 0.91
C GLU A 170 9.74 -20.16 1.70
N GLU A 171 10.99 -20.21 1.24
CA GLU A 171 12.10 -19.55 1.90
C GLU A 171 12.01 -18.06 1.67
N GLU A 172 11.70 -17.68 0.43
CA GLU A 172 11.56 -16.27 0.07
C GLU A 172 10.43 -15.70 0.92
N LYS A 173 9.36 -16.49 1.10
CA LYS A 173 8.21 -16.08 1.92
C LYS A 173 8.61 -15.84 3.38
N ARG A 174 9.37 -16.77 3.94
CA ARG A 174 9.91 -16.57 5.28
C ARG A 174 10.82 -15.35 5.34
N ILE A 175 11.74 -15.24 4.37
CA ILE A 175 12.60 -14.07 4.25
C ILE A 175 11.77 -12.80 4.30
N VAL A 176 10.80 -12.67 3.39
CA VAL A 176 9.93 -11.51 3.39
C VAL A 176 9.20 -11.37 4.71
N SER A 177 8.78 -12.48 5.28
CA SER A 177 8.01 -12.46 6.51
C SER A 177 8.77 -11.76 7.64
N ILE A 178 10.02 -12.15 7.83
CA ILE A 178 10.77 -11.62 8.98
C ILE A 178 11.48 -10.30 8.71
N THR A 179 11.72 -9.98 7.43
CA THR A 179 12.42 -8.73 7.04
C THR A 179 11.50 -7.55 6.83
N GLN A 180 10.22 -7.83 6.62
CA GLN A 180 9.25 -6.77 6.33
C GLN A 180 9.03 -5.76 7.44
N GLY A 181 9.35 -6.10 8.69
CA GLY A 181 9.20 -5.18 9.82
C GLY A 181 10.19 -4.00 9.81
N SER A 182 10.33 -3.33 10.95
CA SER A 182 11.30 -2.25 11.07
C SER A 182 12.71 -2.80 10.90
N PHE A 183 13.51 -2.07 10.13
CA PHE A 183 14.90 -2.41 9.86
C PHE A 183 15.68 -2.09 11.12
N PRO A 184 16.40 -3.07 11.67
CA PRO A 184 17.17 -2.84 12.90
C PRO A 184 18.18 -1.70 12.78
N LEU A 185 18.13 -0.74 13.68
CA LEU A 185 19.16 0.29 13.74
C LEU A 185 20.31 -0.21 14.57
N VAL A 186 21.05 -1.18 14.00
CA VAL A 186 22.32 -1.67 14.54
C VAL A 186 23.45 -1.68 13.50
N GLU A 187 24.67 -1.92 13.94
CA GLU A 187 25.83 -2.00 13.05
C GLU A 187 25.64 -3.11 12.03
N ARG A 188 25.01 -4.20 12.47
CA ARG A 188 24.83 -5.39 11.62
C ARG A 188 23.38 -5.88 11.39
N PRO A 189 22.57 -5.09 10.68
CA PRO A 189 21.11 -5.27 10.64
C PRO A 189 20.56 -6.50 9.86
N PHE A 190 21.40 -7.21 9.11
CA PHE A 190 20.96 -8.46 8.45
C PHE A 190 21.41 -9.70 9.23
N LEU A 191 22.19 -9.50 10.29
CA LEU A 191 22.74 -10.64 11.05
C LEU A 191 21.64 -11.34 11.86
N GLU A 192 20.84 -10.57 12.59
CA GLU A 192 19.76 -11.18 13.38
C GLU A 192 18.75 -11.89 12.50
N TYR A 193 18.38 -11.25 11.40
CA TYR A 193 17.55 -11.89 10.39
C TYR A 193 18.17 -13.19 9.93
N ALA A 194 19.45 -13.15 9.63
CA ALA A 194 20.07 -14.35 9.07
C ALA A 194 20.14 -15.51 10.08
N LYS A 195 20.48 -15.18 11.33
CA LYS A 195 20.42 -16.11 12.45
C LYS A 195 19.04 -16.76 12.57
N ARG A 196 17.98 -15.94 12.55
CA ARG A 196 16.62 -16.47 12.64
C ARG A 196 16.29 -17.44 11.50
N LEU A 197 16.74 -17.12 10.29
CA LEU A 197 16.50 -17.98 9.12
C LEU A 197 17.57 -19.08 8.98
N ARG A 198 18.45 -19.22 9.98
CA ARG A 198 19.50 -20.27 10.02
C ARG A 198 20.42 -20.25 8.80
N SER A 200 23.69 -17.61 6.86
CA SER A 200 24.65 -16.57 7.15
C SER A 200 24.06 -15.30 6.63
N GLU A 201 24.62 -14.17 7.05
CA GLU A 201 24.34 -12.89 6.42
C GLU A 201 24.55 -13.01 4.94
N GLU A 202 25.66 -13.67 4.55
CA GLU A 202 26.13 -13.66 3.16
C GLU A 202 25.12 -14.37 2.28
N GLU A 203 24.60 -15.50 2.76
CA GLU A 203 23.56 -16.22 2.05
C GLU A 203 22.26 -15.41 2.03
N LEU A 204 21.96 -14.67 3.10
CA LEU A 204 20.74 -13.84 3.10
C LEU A 204 20.84 -12.70 2.10
N LEU A 205 21.97 -11.99 2.15
CA LEU A 205 22.17 -10.84 1.27
C LEU A 205 22.12 -11.32 -0.18
N GLU A 206 22.56 -12.55 -0.38
CA GLU A 206 22.57 -13.16 -1.69
C GLU A 206 21.16 -13.22 -2.27
N LYS A 207 20.28 -13.73 -1.45
CA LYS A 207 18.87 -13.86 -1.75
C LYS A 207 18.19 -12.50 -1.79
N LEU A 208 18.54 -11.63 -0.85
CA LEU A 208 17.96 -10.31 -0.91
C LEU A 208 18.31 -9.56 -2.20
N SER A 209 19.55 -9.71 -2.67
CA SER A 209 19.99 -9.03 -3.86
C SER A 209 19.25 -9.57 -5.06
N ALA A 210 19.15 -10.88 -5.17
CA ALA A 210 18.38 -11.48 -6.26
C ALA A 210 16.93 -10.98 -6.30
N LEU A 211 16.28 -10.88 -5.14
CA LEU A 211 14.91 -10.33 -5.09
C LEU A 211 14.88 -8.87 -5.50
N LYS A 212 15.96 -8.14 -5.21
CA LYS A 212 16.05 -6.75 -5.63
C LYS A 212 16.29 -6.68 -7.15
N GLU A 213 17.11 -7.58 -7.68
CA GLU A 213 17.37 -7.62 -9.13
C GLU A 213 16.11 -7.95 -9.88
N ARG A 214 15.24 -8.77 -9.28
CA ARG A 214 13.96 -9.15 -9.87
C ARG A 214 12.89 -8.12 -9.59
N GLY A 215 13.21 -7.13 -8.75
CA GLY A 215 12.25 -6.08 -8.42
C GLY A 215 11.20 -6.48 -7.42
N VAL A 216 11.31 -7.69 -6.88
CA VAL A 216 10.44 -8.10 -5.80
C VAL A 216 10.70 -7.16 -4.63
N LEU A 217 11.97 -6.89 -4.36
CA LEU A 217 12.37 -5.90 -3.35
C LEU A 217 12.75 -4.59 -4.02
N ARG A 218 12.00 -3.53 -3.72
CA ARG A 218 12.22 -2.26 -4.38
C ARG A 218 13.42 -1.58 -3.75
N ARG A 219 13.36 -1.41 -2.44
CA ARG A 219 14.37 -0.68 -1.74
C ARG A 219 14.21 -0.91 -0.24
N ILE A 220 15.20 -0.44 0.53
CA ILE A 220 15.09 -0.38 1.98
C ILE A 220 15.27 1.07 2.38
N SER A 221 14.31 1.65 3.07
CA SER A 221 14.34 3.08 3.36
C SER A 221 13.39 3.50 4.44
N ALA A 222 13.66 4.69 4.96
CA ALA A 222 12.73 5.41 5.80
C ALA A 222 11.80 6.21 4.92
N VAL A 223 10.56 6.34 5.39
CA VAL A 223 9.59 7.31 4.84
C VAL A 223 8.98 8.19 5.96
N VAL A 232 -7.67 14.87 6.89
CA VAL A 232 -8.05 16.27 6.85
C VAL A 232 -9.47 16.39 6.27
N ALA A 233 -9.53 16.61 4.96
CA ALA A 233 -10.76 16.57 4.21
C ALA A 233 -10.35 15.80 2.99
N ASN A 234 -11.02 14.71 2.65
CA ASN A 234 -10.41 13.85 1.66
C ASN A 234 -11.45 13.27 0.75
N ALA A 235 -11.12 13.13 -0.53
CA ALA A 235 -11.99 12.46 -1.47
C ALA A 235 -11.25 11.66 -2.53
N SER A 237 -11.67 11.18 -6.17
CA SER A 237 -12.31 11.64 -7.37
C SER A 237 -12.21 10.57 -8.45
N VAL A 238 -13.34 10.22 -9.08
CA VAL A 238 -13.37 9.22 -10.16
C VAL A 238 -13.84 9.85 -11.46
N TRP A 239 -13.17 9.53 -12.56
CA TRP A 239 -13.40 10.19 -13.84
C TRP A 239 -13.48 9.22 -15.01
N GLU A 240 -14.28 9.58 -16.00
CA GLU A 240 -14.36 8.84 -17.25
C GLU A 240 -13.63 9.63 -18.36
N VAL A 241 -12.52 9.05 -18.85
CA VAL A 241 -11.57 9.75 -19.75
C VAL A 241 -11.13 8.88 -20.93
N PRO A 242 -11.13 9.41 -22.16
CA PRO A 242 -10.59 8.64 -23.30
C PRO A 242 -9.09 8.30 -23.19
N GLU A 243 -8.73 7.08 -23.56
CA GLU A 243 -7.43 6.47 -23.20
C GLU A 243 -6.22 7.19 -23.78
N ASP A 244 -6.43 7.88 -24.89
CA ASP A 244 -5.39 8.67 -25.54
C ASP A 244 -5.18 10.02 -24.86
N ALA A 245 -5.90 10.23 -23.75
CA ALA A 245 -5.79 11.47 -22.97
C ALA A 245 -5.42 11.21 -21.51
N ILE A 246 -5.71 10.02 -20.99
CA ILE A 246 -5.47 9.69 -19.58
C ILE A 246 -4.05 9.98 -19.08
N GLU A 247 -3.03 9.77 -19.90
CA GLU A 247 -1.68 10.09 -19.44
C GLU A 247 -1.52 11.58 -19.24
N GLU A 248 -1.86 12.37 -20.26
CA GLU A 248 -1.74 13.83 -20.17
C GLU A 248 -2.67 14.36 -19.07
N VAL A 249 -3.93 13.95 -19.08
CA VAL A 249 -4.87 14.29 -18.00
C VAL A 249 -4.33 13.90 -16.61
N GLY A 250 -3.85 12.67 -16.47
CA GLY A 250 -3.23 12.23 -15.24
C GLY A 250 -2.07 13.11 -14.80
N ARG A 251 -1.22 13.50 -15.74
CA ARG A 251 -0.07 14.34 -15.41
C ARG A 251 -0.49 15.75 -15.10
N TYR A 252 -1.55 16.21 -15.75
CA TYR A 252 -2.13 17.52 -15.51
C TYR A 252 -2.65 17.56 -14.08
N ILE A 253 -3.38 16.53 -13.68
CA ILE A 253 -3.94 16.49 -12.34
C ILE A 253 -2.83 16.30 -11.30
N ALA A 254 -1.79 15.54 -11.67
CA ALA A 254 -0.65 15.26 -10.78
C ALA A 254 0.16 16.52 -10.43
N GLY A 255 0.01 17.58 -11.22
CA GLY A 255 0.65 18.86 -10.96
C GLY A 255 -0.02 19.68 -9.87
N PHE A 256 -1.27 19.36 -9.54
CA PHE A 256 -2.07 20.21 -8.66
C PHE A 256 -1.81 19.93 -7.20
N LYS A 257 -1.71 20.98 -6.40
CA LYS A 257 -1.79 20.84 -4.96
C LYS A 257 -3.19 20.34 -4.63
N GLY A 258 -3.30 19.49 -3.61
CA GLY A 258 -4.57 18.89 -3.20
C GLY A 258 -4.83 17.56 -3.87
N VAL A 259 -4.02 17.27 -4.90
CA VAL A 259 -4.02 16.00 -5.58
C VAL A 259 -2.74 15.27 -5.22
N SER A 260 -2.89 14.05 -4.69
CA SER A 260 -1.73 13.20 -4.37
C SER A 260 -1.24 12.13 -5.38
N HIS A 261 -1.90 10.98 -5.40
CA HIS A 261 -1.53 9.98 -6.38
C HIS A 261 -2.65 9.88 -7.42
N CYS A 262 -2.27 9.56 -8.66
CA CYS A 262 -3.21 9.18 -9.72
C CYS A 262 -3.20 7.68 -10.09
N TYR A 263 -4.38 7.14 -10.36
CA TYR A 263 -4.52 5.71 -10.73
C TYR A 263 -5.42 5.48 -11.94
N GLN A 264 -5.19 4.38 -12.67
CA GLN A 264 -6.08 4.02 -13.77
C GLN A 264 -6.51 2.55 -13.76
N ARG A 265 -7.67 2.29 -14.35
CA ARG A 265 -8.18 0.92 -14.54
C ARG A 265 -8.89 0.82 -15.88
N THR A 266 -9.41 -0.37 -16.18
CA THR A 266 -10.34 -0.50 -17.29
C THR A 266 -11.72 0.02 -16.92
N THR A 267 -12.53 0.31 -17.93
CA THR A 267 -13.97 0.58 -17.73
C THR A 267 -14.76 -0.74 -17.69
N SER A 268 -15.90 -0.74 -17.00
CA SER A 268 -16.84 -1.88 -17.03
C SER A 268 -18.32 -1.40 -16.94
N GLU A 269 -19.24 -2.32 -17.21
CA GLU A 269 -20.67 -2.00 -17.08
C GLU A 269 -21.06 -1.66 -15.64
N LYS A 270 -20.40 -2.29 -14.66
CA LYS A 270 -20.65 -2.02 -13.24
C LYS A 270 -19.98 -0.75 -12.73
N PHE A 271 -19.06 -0.19 -13.53
CA PHE A 271 -18.35 1.01 -13.11
C PHE A 271 -17.59 1.57 -14.29
N ARG A 272 -18.09 2.68 -14.83
CA ARG A 272 -17.52 3.23 -16.06
C ARG A 272 -16.40 4.25 -15.85
N TYR A 273 -16.02 4.55 -14.61
CA TYR A 273 -14.88 5.47 -14.39
C TYR A 273 -13.55 4.75 -14.53
N ASN A 274 -12.63 5.30 -15.33
CA ASN A 274 -11.33 4.66 -15.57
C ASN A 274 -10.10 5.41 -14.99
N LEU A 275 -10.31 6.64 -14.51
CA LEU A 275 -9.23 7.44 -13.94
C LEU A 275 -9.61 7.88 -12.54
N PHE A 276 -8.72 7.63 -11.59
CA PHE A 276 -8.93 7.96 -10.18
C PHE A 276 -7.85 8.96 -9.80
N ALA A 277 -8.23 9.94 -8.98
CA ALA A 277 -7.29 10.90 -8.41
C ALA A 277 -7.59 11.15 -6.93
N HIS A 280 -7.44 15.93 -1.49
CA HIS A 280 -7.58 16.40 -0.12
C HIS A 280 -7.58 17.92 -0.03
N GLY A 281 -8.10 18.44 1.08
CA GLY A 281 -8.06 19.86 1.33
C GLY A 281 -8.70 20.19 2.65
N LYS A 282 -9.10 21.44 2.78
CA LYS A 282 -10.06 21.85 3.78
C LYS A 282 -11.50 21.71 3.26
N GLY A 283 -12.05 20.52 3.44
CA GLY A 283 -13.45 20.26 3.16
C GLY A 283 -13.86 20.10 1.72
N GLN A 284 -15.09 19.64 1.55
CA GLN A 284 -15.67 19.50 0.22
C GLN A 284 -15.52 20.83 -0.48
N GLU A 285 -15.68 21.88 0.32
CA GLU A 285 -15.65 23.20 -0.22
C GLU A 285 -14.28 23.45 -0.83
N GLU A 286 -13.22 23.39 -0.04
CA GLU A 286 -11.90 23.62 -0.56
C GLU A 286 -11.78 22.53 -1.66
N ILE A 287 -12.03 21.28 -1.31
CA ILE A 287 -11.96 20.17 -2.25
C ILE A 287 -12.84 20.15 -3.50
N LYS A 288 -14.14 20.40 -3.35
CA LYS A 288 -15.08 20.39 -4.46
C LYS A 288 -14.66 21.42 -5.52
N LEU A 289 -14.21 22.58 -5.06
CA LEU A 289 -13.77 23.65 -5.95
C LEU A 289 -12.63 23.18 -6.83
N LEU A 290 -11.68 22.48 -6.23
CA LEU A 290 -10.53 21.96 -6.97
C LEU A 290 -10.94 20.88 -7.96
N ALA A 291 -12.23 20.56 -8.00
CA ALA A 291 -12.75 19.56 -8.91
C ALA A 291 -13.37 20.20 -10.15
N GLU A 292 -14.36 21.06 -9.93
CA GLU A 292 -15.04 21.74 -11.03
C GLU A 292 -14.03 22.29 -12.04
N THR A 293 -12.92 22.82 -11.53
CA THR A 293 -11.88 23.36 -12.39
C THR A 293 -11.36 22.33 -13.38
N ILE A 294 -10.90 21.19 -12.87
CA ILE A 294 -10.39 20.12 -13.72
C ILE A 294 -11.43 19.75 -14.76
N SER A 295 -12.66 19.57 -14.30
CA SER A 295 -13.81 19.28 -15.16
C SER A 295 -13.99 20.35 -16.26
N ARG A 296 -13.76 21.61 -15.91
CA ARG A 296 -13.86 22.73 -16.85
C ARG A 296 -12.69 22.80 -17.83
N GLU A 297 -11.47 22.86 -17.30
CA GLU A 297 -10.27 23.10 -18.12
C GLU A 297 -10.00 21.98 -19.14
N LYS A 298 -10.46 20.77 -18.84
CA LYS A 298 -10.30 19.60 -19.71
C LYS A 298 -11.65 19.03 -20.21
N ALA A 299 -12.74 19.75 -19.95
CA ALA A 299 -14.07 19.37 -20.43
C ALA A 299 -14.46 17.92 -20.11
N LEU A 300 -14.38 17.58 -18.83
CA LEU A 300 -14.74 16.23 -18.36
C LEU A 300 -15.96 16.31 -17.46
N SER A 301 -17.15 16.21 -18.04
CA SER A 301 -18.38 16.31 -17.26
C SER A 301 -18.70 15.00 -16.53
N LYS A 302 -18.12 13.89 -16.99
CA LYS A 302 -18.30 12.60 -16.33
C LYS A 302 -17.28 12.38 -15.20
N TYR A 303 -17.76 12.53 -13.97
CA TYR A 303 -16.96 12.32 -12.77
C TYR A 303 -17.85 12.24 -11.52
N ALA A 304 -17.23 12.00 -10.35
CA ALA A 304 -17.96 11.86 -9.08
C ALA A 304 -17.02 12.03 -7.91
N LEU A 305 -17.50 12.62 -6.82
CA LEU A 305 -16.68 12.86 -5.63
C LEU A 305 -17.12 11.98 -4.46
N LEU A 306 -16.27 11.01 -4.14
CA LEU A 306 -16.52 10.10 -3.04
C LEU A 306 -15.68 10.51 -1.83
N PHE A 307 -16.27 11.33 -0.97
CA PHE A 307 -15.57 11.84 0.21
C PHE A 307 -15.41 10.79 1.28
N SER A 308 -14.25 10.82 1.93
CA SER A 308 -14.02 9.99 3.10
C SER A 308 -14.67 10.66 4.29
N THR A 309 -15.75 10.04 4.80
CA THR A 309 -16.42 10.54 6.00
C THR A 309 -15.96 9.78 7.23
N ARG A 310 -15.34 8.62 7.04
CA ARG A 310 -14.86 7.82 8.17
C ARG A 310 -13.82 6.81 7.72
N GLU A 311 -12.87 6.54 8.61
CA GLU A 311 -11.81 5.60 8.32
C GLU A 311 -11.90 4.53 9.38
N PHE A 312 -12.04 3.29 8.97
CA PHE A 312 -12.14 2.23 9.93
C PHE A 312 -10.83 1.48 10.01
N LYS A 313 -9.90 1.80 9.14
CA LYS A 313 -8.61 1.15 9.18
C LYS A 313 -7.67 1.90 8.29
N LYS A 314 -6.45 2.06 8.76
CA LYS A 314 -5.33 2.46 7.90
C LYS A 314 -4.04 1.84 8.43
N VAL A 315 -3.87 0.54 8.27
CA VAL A 315 -2.62 -0.11 8.61
C VAL A 315 -2.10 -0.76 7.37
N ARG A 316 -0.89 -1.30 7.42
CA ARG A 316 -0.35 -1.99 6.27
C ARG A 316 -0.23 -3.48 6.55
N ILE A 317 -0.52 -4.26 5.51
CA ILE A 317 -0.67 -5.69 5.67
C ILE A 317 0.69 -6.30 5.89
N LYS A 318 0.75 -7.39 6.66
CA LYS A 318 1.95 -8.17 6.80
C LYS A 318 1.83 -9.24 5.75
N TYR A 319 2.88 -9.40 4.98
CA TYR A 319 2.89 -10.36 3.93
C TYR A 319 3.19 -11.69 4.56
N PHE A 320 2.52 -12.72 4.06
CA PHE A 320 2.81 -14.10 4.41
C PHE A 320 2.73 -14.39 5.88
N SER A 321 1.93 -13.61 6.59
CA SER A 321 1.54 -13.92 7.95
C SER A 321 0.50 -15.01 7.83
N GLU A 322 0.48 -15.90 8.81
CA GLU A 322 -0.41 -17.04 8.77
C GLU A 322 -1.80 -16.65 9.28
N GLU A 323 -1.95 -15.43 9.82
CA GLU A 323 -3.26 -14.93 10.25
C GLU A 323 -4.35 -14.75 9.16
N PHE A 324 -3.98 -14.56 7.90
CA PHE A 324 -5.00 -14.45 6.85
C PHE A 324 -5.56 -15.84 6.51
N GLU A 325 -4.65 -16.75 6.19
CA GLU A 325 -4.99 -18.08 5.69
C GLU A 325 -6.00 -18.67 6.64
N ARG A 326 -5.72 -18.57 7.93
CA ARG A 326 -6.62 -19.05 8.96
C ARG A 326 -7.91 -18.25 8.96
N TRP A 327 -7.78 -16.94 8.95
CA TRP A 327 -8.95 -16.06 8.90
C TRP A 327 -9.91 -16.52 7.81
N PHE A 328 -9.34 -17.00 6.71
CA PHE A 328 -10.15 -17.51 5.61
C PHE A 328 -10.84 -18.80 6.01
N LYS A 329 -10.17 -19.60 6.84
CA LYS A 329 -10.75 -20.85 7.33
C LYS A 329 -11.97 -20.59 8.17
N GLU A 330 -11.77 -19.72 9.15
CA GLU A 330 -12.83 -19.23 9.98
C GLU A 330 -13.95 -18.72 9.13
N LEU A 331 -13.66 -18.49 7.86
CA LEU A 331 -14.67 -17.93 7.03
C LEU A 331 -15.40 -19.06 6.39
N ILE A 332 -14.66 -20.04 5.92
CA ILE A 332 -15.30 -21.21 5.38
C ILE A 332 -16.08 -21.82 6.52
N SER A 333 -15.35 -22.11 7.59
CA SER A 333 -15.93 -22.69 8.79
C SER A 333 -17.19 -21.93 9.16
N ALA A 334 -17.08 -20.61 9.24
CA ALA A 334 -18.24 -19.79 9.55
C ALA A 334 -19.41 -20.12 8.63
N LEU A 335 -19.28 -19.73 7.36
CA LEU A 335 -20.31 -19.99 6.36
C LEU A 335 -20.95 -21.39 6.39
N GLU A 336 -20.19 -22.40 6.82
CA GLU A 336 -20.77 -23.75 6.88
C GLU A 336 -21.21 -24.09 8.30
#